data_3GOX
#
_entry.id   3GOX
#
_cell.length_a   90.682
_cell.length_b   90.682
_cell.length_c   334.933
_cell.angle_alpha   90.00
_cell.angle_beta   90.00
_cell.angle_gamma   120.00
#
_symmetry.space_group_name_H-M   'H 3 2'
#
loop_
_entity.id
_entity.type
_entity.pdbx_description
1 polymer 'Restriction endonuclease Hpy99I'
2 polymer "5'-(*DCP*DTP*DCP*DGP*DAP*DCP*DGP*DTP*DAP*DGP*DA)-3'"
3 polymer "5'-(*DTP*DAP*DCP*DGP*DTP*DCP*DGP*DAP*DGP*DTP*DC)-3'"
4 non-polymer 'ZINC ION'
5 non-polymer 'SODIUM ION'
6 non-polymer 'PENTAETHYLENE GLYCOL'
7 water water
#
loop_
_entity_poly.entity_id
_entity_poly.type
_entity_poly.pdbx_seq_one_letter_code
_entity_poly.pdbx_strand_id
1 'polypeptide(L)'
;MGHHHHHHEFMLKNDDFVIAKNQLGNIVPNSVGVIRAVNGKSAMVLFIGLNELKRVDFSELEAIDIYRTGKGYDKKICNI
CHILKNTDGFEINQTDAKGRKTTRPSCRECRKNIDGVKLSSTEKKKMDEIAPPKGSVFTCPICEKRSIVGVTANLVHDHN
HDTGWGREWICDSCNTGLGRFKDNPKFLEKVIEYLKKYEK
;
A,B
2 'polydeoxyribonucleotide' (DC)(DT)(DC)(DG)(DA)(DC)(DG)(DT)(DA)(DG)(DA) C
3 'polydeoxyribonucleotide' (DT)(DA)(DC)(DG)(DT)(DC)(DG)(DA)(DG)(DT)(DC) D
#
# COMPACT_ATOMS: atom_id res chain seq x y z
N MET A 11 -24.84 32.59 10.67
CA MET A 11 -23.85 32.55 9.54
C MET A 11 -23.12 31.20 9.50
N LEU A 12 -22.27 30.92 10.49
CA LEU A 12 -21.65 29.59 10.60
C LEU A 12 -22.71 28.58 11.08
N LYS A 13 -22.62 27.37 10.55
CA LYS A 13 -23.52 26.27 10.90
C LYS A 13 -22.70 25.12 11.43
N ASN A 14 -23.28 24.34 12.32
CA ASN A 14 -22.69 23.06 12.68
C ASN A 14 -22.35 22.27 11.42
N ASP A 15 -21.16 21.66 11.44
CA ASP A 15 -20.58 20.81 10.39
C ASP A 15 -19.84 21.61 9.33
N ASP A 16 -19.91 22.95 9.38
CA ASP A 16 -19.11 23.79 8.48
C ASP A 16 -17.64 23.68 8.84
N PHE A 17 -16.78 23.91 7.84
CA PHE A 17 -15.34 23.96 8.03
C PHE A 17 -14.79 25.38 8.01
N VAL A 18 -13.81 25.62 8.88
CA VAL A 18 -13.20 26.93 9.05
C VAL A 18 -11.71 26.78 9.22
N ILE A 19 -10.99 27.88 9.02
CA ILE A 19 -9.62 27.97 9.47
C ILE A 19 -9.52 29.04 10.55
N ALA A 20 -8.58 28.86 11.45
CA ALA A 20 -8.17 29.92 12.37
C ALA A 20 -7.45 31.01 11.60
N LYS A 21 -7.95 32.24 11.72
CA LYS A 21 -7.27 33.37 11.08
C LYS A 21 -5.96 33.73 11.77
N ASN A 22 -5.93 33.57 13.09
CA ASN A 22 -4.80 33.97 13.92
C ASN A 22 -4.52 32.86 14.92
N GLN A 23 -3.53 33.09 15.78
CA GLN A 23 -3.20 32.14 16.86
C GLN A 23 -4.29 32.08 17.90
N LEU A 24 -4.73 30.88 18.21
CA LEU A 24 -5.72 30.65 19.26
C LEU A 24 -5.12 29.65 20.26
N GLY A 25 -4.39 30.18 21.23
CA GLY A 25 -3.69 29.35 22.20
C GLY A 25 -2.68 28.45 21.50
N ASN A 26 -2.92 27.14 21.55
CA ASN A 26 -2.04 26.15 20.92
C ASN A 26 -2.25 26.04 19.43
N ILE A 27 -3.32 26.65 18.91
CA ILE A 27 -3.75 26.47 17.53
C ILE A 27 -3.13 27.53 16.63
N VAL A 28 -2.31 27.10 15.68
CA VAL A 28 -1.66 28.04 14.76
C VAL A 28 -2.61 28.51 13.66
N PRO A 29 -2.32 29.67 13.06
CA PRO A 29 -3.13 30.10 11.94
C PRO A 29 -3.22 29.06 10.83
N ASN A 30 -4.37 29.03 10.15
CA ASN A 30 -4.66 28.13 9.03
C ASN A 30 -4.95 26.70 9.43
N SER A 31 -5.02 26.45 10.74
CA SER A 31 -5.51 25.17 11.26
C SER A 31 -6.96 25.01 10.88
N VAL A 32 -7.32 23.87 10.30
CA VAL A 32 -8.69 23.55 9.91
C VAL A 32 -9.45 22.97 11.09
N GLY A 33 -10.66 23.49 11.28
CA GLY A 33 -11.59 22.98 12.28
C GLY A 33 -12.97 22.78 11.70
N VAL A 34 -13.76 21.98 12.41
CA VAL A 34 -15.17 21.78 12.10
C VAL A 34 -16.02 22.37 13.24
N ILE A 35 -17.12 23.03 12.89
CA ILE A 35 -18.00 23.64 13.88
C ILE A 35 -18.84 22.57 14.55
N ARG A 36 -18.78 22.50 15.89
CA ARG A 36 -19.45 21.48 16.68
C ARG A 36 -20.63 21.99 17.50
N ALA A 37 -20.62 23.29 17.80
CA ALA A 37 -21.76 23.95 18.42
C ALA A 37 -21.67 25.42 18.08
N VAL A 38 -22.83 26.08 18.10
N VAL A 38 -22.82 26.09 18.07
CA VAL A 38 -22.96 27.51 17.84
CA VAL A 38 -22.84 27.52 17.83
C VAL A 38 -23.61 28.19 19.04
C VAL A 38 -23.76 28.19 18.80
N ASN A 39 -22.99 29.27 19.51
N ASN A 39 -23.36 29.38 19.25
CA ASN A 39 -23.57 30.14 20.55
CA ASN A 39 -24.27 30.30 19.90
C ASN A 39 -23.52 31.64 20.21
C ASN A 39 -24.24 31.67 19.24
N GLY A 40 -24.57 32.17 19.60
N GLY A 40 -24.59 32.70 20.01
CA GLY A 40 -24.52 33.56 19.14
CA GLY A 40 -24.77 34.05 19.46
C GLY A 40 -23.44 33.71 18.07
C GLY A 40 -23.56 34.73 18.87
N LYS A 41 -22.49 34.62 18.28
N LYS A 41 -22.38 34.50 19.45
CA LYS A 41 -21.38 34.77 17.34
CA LYS A 41 -21.18 35.23 19.05
C LYS A 41 -20.09 34.11 17.85
C LYS A 41 -19.97 34.33 18.86
N SER A 42 -20.24 33.05 18.62
N SER A 42 -20.06 33.09 19.31
CA SER A 42 -19.10 32.21 18.99
CA SER A 42 -18.97 32.15 19.18
C SER A 42 -19.44 30.73 18.75
C SER A 42 -19.41 30.78 18.67
N ALA A 43 -18.42 29.97 18.35
CA ALA A 43 -18.59 28.59 17.94
C ALA A 43 -17.66 27.74 18.79
N MET A 44 -18.09 26.52 19.06
CA MET A 44 -17.21 25.47 19.57
C MET A 44 -16.64 24.77 18.34
N VAL A 45 -15.32 24.85 18.17
CA VAL A 45 -14.65 24.34 16.98
C VAL A 45 -13.75 23.17 17.36
N LEU A 46 -13.87 22.05 16.67
CA LEU A 46 -12.89 20.94 16.81
C LEU A 46 -11.80 21.17 15.79
N PHE A 47 -10.62 21.55 16.30
CA PHE A 47 -9.45 21.65 15.45
C PHE A 47 -8.86 20.25 15.29
N ILE A 48 -8.85 19.80 14.05
CA ILE A 48 -8.74 18.36 13.75
C ILE A 48 -7.31 17.83 13.98
N GLY A 49 -6.28 18.61 13.66
CA GLY A 49 -4.90 18.14 13.85
C GLY A 49 -4.56 17.81 15.29
N LEU A 50 -4.93 18.69 16.19
CA LEU A 50 -4.61 18.51 17.61
C LEU A 50 -5.77 17.89 18.39
N ASN A 51 -6.92 17.70 17.73
CA ASN A 51 -8.11 17.12 18.35
C ASN A 51 -8.54 17.96 19.56
N GLU A 52 -8.50 19.27 19.40
CA GLU A 52 -8.75 20.21 20.48
C GLU A 52 -10.05 20.98 20.18
N LEU A 53 -10.98 20.94 21.13
CA LEU A 53 -12.28 21.61 20.99
C LEU A 53 -12.16 22.92 21.74
N LYS A 54 -12.35 24.05 21.03
CA LYS A 54 -12.15 25.38 21.60
C LYS A 54 -13.33 26.27 21.30
N ARG A 55 -13.64 27.16 22.25
CA ARG A 55 -14.60 28.24 22.03
C ARG A 55 -13.92 29.40 21.30
N VAL A 56 -14.46 29.79 20.15
CA VAL A 56 -13.83 30.79 19.29
C VAL A 56 -14.85 31.81 18.80
N ASP A 57 -14.53 33.10 18.93
CA ASP A 57 -15.38 34.13 18.33
C ASP A 57 -15.41 34.02 16.80
N PHE A 58 -16.57 34.29 16.20
CA PHE A 58 -16.72 34.19 14.74
C PHE A 58 -15.69 35.03 14.00
N SER A 59 -15.30 36.17 14.59
CA SER A 59 -14.35 37.08 13.95
C SER A 59 -12.95 36.48 13.77
N GLU A 60 -12.66 35.44 14.54
CA GLU A 60 -11.36 34.75 14.50
C GLU A 60 -11.34 33.59 13.50
N LEU A 61 -12.45 33.35 12.80
CA LEU A 61 -12.61 32.18 11.89
C LEU A 61 -12.92 32.64 10.48
N GLU A 62 -12.45 31.85 9.50
CA GLU A 62 -12.76 32.07 8.10
C GLU A 62 -13.31 30.75 7.53
N ALA A 63 -14.52 30.79 6.97
CA ALA A 63 -15.09 29.62 6.31
C ALA A 63 -14.27 29.24 5.10
N ILE A 64 -14.10 27.93 4.92
CA ILE A 64 -13.47 27.38 3.73
C ILE A 64 -14.35 26.33 3.04
N ASP A 65 -14.10 26.15 1.75
CA ASP A 65 -14.75 25.13 0.92
C ASP A 65 -13.76 23.98 0.76
N ILE A 66 -13.96 22.92 1.54
CA ILE A 66 -13.06 21.75 1.50
C ILE A 66 -12.93 21.15 0.10
N TYR A 67 -13.95 21.29 -0.73
CA TYR A 67 -13.94 20.73 -2.08
C TYR A 67 -13.21 21.57 -3.11
N ARG A 68 -12.73 22.75 -2.71
CA ARG A 68 -11.83 23.54 -3.52
C ARG A 68 -10.47 23.61 -2.85
N THR A 69 -10.05 22.47 -2.33
CA THR A 69 -8.69 22.24 -1.83
C THR A 69 -8.22 20.91 -2.38
N GLY A 70 -6.90 20.73 -2.44
CA GLY A 70 -6.28 19.49 -2.85
C GLY A 70 -5.94 19.49 -4.32
N LYS A 71 -5.92 18.32 -4.92
CA LYS A 71 -5.59 18.19 -6.32
C LYS A 71 -6.45 19.11 -7.19
N GLY A 72 -5.77 19.93 -7.99
CA GLY A 72 -6.45 20.84 -8.90
C GLY A 72 -6.57 22.27 -8.36
N TYR A 73 -6.09 22.47 -7.13
CA TYR A 73 -6.23 23.74 -6.41
C TYR A 73 -4.90 24.23 -5.84
N ASP A 74 -4.89 25.49 -5.40
N ASP A 74 -4.86 25.47 -5.36
CA ASP A 74 -3.69 26.19 -4.92
CA ASP A 74 -3.60 26.08 -4.95
C ASP A 74 -3.23 25.72 -3.54
C ASP A 74 -3.25 25.85 -3.48
N LYS A 75 -4.18 25.24 -2.74
CA LYS A 75 -3.94 24.89 -1.34
C LYS A 75 -4.51 23.51 -1.07
N LYS A 76 -3.98 22.88 -0.02
CA LYS A 76 -4.30 21.51 0.34
C LYS A 76 -4.26 21.39 1.85
N ILE A 77 -5.17 20.59 2.40
CA ILE A 77 -5.24 20.34 3.84
C ILE A 77 -4.41 19.08 4.16
N CYS A 78 -3.42 19.19 5.05
CA CYS A 78 -2.57 18.06 5.42
C CYS A 78 -3.37 17.03 6.21
N ASN A 79 -3.15 15.73 5.95
CA ASN A 79 -3.92 14.69 6.62
C ASN A 79 -3.44 14.35 8.02
N ILE A 80 -2.36 14.99 8.47
CA ILE A 80 -1.89 14.79 9.84
C ILE A 80 -2.22 16.07 10.60
N CYS A 81 -1.51 17.15 10.33
CA CYS A 81 -1.74 18.38 11.08
C CYS A 81 -3.04 19.09 10.72
N HIS A 82 -3.63 18.77 9.57
CA HIS A 82 -4.87 19.43 9.14
C HIS A 82 -4.74 20.96 9.21
N ILE A 83 -3.62 21.43 8.68
CA ILE A 83 -3.42 22.86 8.41
C ILE A 83 -3.52 22.99 6.89
N LEU A 84 -4.15 24.09 6.47
CA LEU A 84 -4.30 24.41 5.06
C LEU A 84 -3.02 25.10 4.61
N LYS A 85 -2.34 24.51 3.63
CA LYS A 85 -1.04 24.95 3.14
C LYS A 85 -1.06 25.07 1.62
N ASN A 86 -0.12 25.82 1.07
CA ASN A 86 0.03 25.86 -0.38
C ASN A 86 0.44 24.50 -0.91
N THR A 87 0.05 24.21 -2.16
CA THR A 87 0.39 22.95 -2.83
C THR A 87 1.87 22.59 -2.76
N ASP A 88 2.73 23.60 -2.87
CA ASP A 88 4.17 23.35 -2.80
C ASP A 88 4.68 22.97 -1.40
N GLY A 89 3.81 22.98 -0.38
CA GLY A 89 4.12 22.46 0.95
C GLY A 89 4.03 20.93 1.05
N PHE A 90 3.71 20.28 -0.08
CA PHE A 90 3.56 18.83 -0.19
C PHE A 90 4.43 18.35 -1.34
N GLU A 91 5.04 17.18 -1.17
CA GLU A 91 5.96 16.60 -2.15
C GLU A 91 5.20 15.86 -3.24
N ILE A 92 5.55 16.14 -4.51
CA ILE A 92 5.02 15.39 -5.65
C ILE A 92 5.45 13.91 -5.50
N ASN A 93 4.51 13.00 -5.71
CA ASN A 93 4.73 11.58 -5.45
C ASN A 93 4.30 10.60 -6.55
N GLN A 94 3.32 10.98 -7.38
CA GLN A 94 2.81 10.07 -8.42
C GLN A 94 2.17 10.91 -9.55
N THR A 95 1.68 10.21 -10.56
CA THR A 95 1.01 10.79 -11.71
C THR A 95 -0.22 9.95 -11.99
N ASP A 96 -1.38 10.58 -12.21
CA ASP A 96 -2.61 9.85 -12.51
C ASP A 96 -2.74 9.59 -14.02
N ALA A 97 -3.79 8.87 -14.41
CA ALA A 97 -4.01 8.45 -15.81
C ALA A 97 -4.17 9.64 -16.73
N LYS A 98 -4.61 10.77 -16.19
N LYS A 98 -4.60 10.77 -16.18
CA LYS A 98 -4.80 12.01 -16.94
CA LYS A 98 -4.80 12.02 -16.93
C LYS A 98 -3.53 12.89 -16.97
C LYS A 98 -3.52 12.86 -17.04
N GLY A 99 -2.42 12.35 -16.47
CA GLY A 99 -1.13 13.05 -16.52
C GLY A 99 -0.90 14.10 -15.42
N ARG A 100 -1.86 14.25 -14.51
CA ARG A 100 -1.75 15.26 -13.45
C ARG A 100 -0.93 14.71 -12.28
N LYS A 101 -0.21 15.59 -11.60
CA LYS A 101 0.66 15.18 -10.51
C LYS A 101 -0.08 15.14 -9.19
N THR A 102 0.22 14.09 -8.43
CA THR A 102 -0.38 13.83 -7.15
C THR A 102 0.72 14.06 -6.10
N THR A 103 0.39 14.80 -5.06
CA THR A 103 1.30 15.04 -3.96
C THR A 103 0.93 14.12 -2.78
N ARG A 104 1.90 13.87 -1.89
CA ARG A 104 1.62 13.08 -0.69
C ARG A 104 0.52 13.76 0.11
N PRO A 105 -0.27 13.00 0.86
CA PRO A 105 -1.34 13.63 1.65
C PRO A 105 -0.82 14.37 2.89
N SER A 106 0.39 14.05 3.34
CA SER A 106 1.03 14.70 4.49
C SER A 106 2.06 15.74 4.01
N CYS A 107 2.02 16.92 4.62
CA CYS A 107 2.91 18.01 4.25
C CYS A 107 4.37 17.69 4.57
N ARG A 108 5.27 18.46 3.99
CA ARG A 108 6.69 18.23 4.20
C ARG A 108 7.07 18.23 5.67
N GLU A 109 6.49 19.11 6.49
CA GLU A 109 6.80 19.13 7.91
C GLU A 109 6.38 17.82 8.60
N CYS A 110 5.18 17.34 8.32
CA CYS A 110 4.68 16.13 8.95
C CYS A 110 5.42 14.90 8.44
N ARG A 111 5.92 14.94 7.20
CA ARG A 111 6.71 13.83 6.65
C ARG A 111 8.03 13.66 7.38
N LYS A 112 8.55 14.71 7.99
CA LYS A 112 9.81 14.58 8.77
C LYS A 112 9.70 13.54 9.88
N ASN A 113 8.54 13.52 10.53
N ASN A 113 8.57 13.55 10.60
CA ASN A 113 8.26 12.62 11.63
CA ASN A 113 8.30 12.58 11.65
C ASN A 113 7.90 11.21 11.14
C ASN A 113 8.06 11.19 11.06
N ILE A 114 7.31 11.12 9.96
CA ILE A 114 7.00 9.84 9.34
C ILE A 114 8.27 9.18 8.79
N ASP A 115 9.13 9.98 8.15
CA ASP A 115 10.40 9.47 7.62
C ASP A 115 11.41 9.08 8.71
N GLY A 116 11.44 9.82 9.81
CA GLY A 116 12.36 9.55 10.91
C GLY A 116 13.81 9.56 10.46
N VAL A 117 14.59 8.59 10.97
CA VAL A 117 16.02 8.51 10.75
C VAL A 117 16.30 7.69 9.50
N LYS A 118 17.10 8.25 8.58
CA LYS A 118 17.47 7.55 7.36
C LYS A 118 18.39 6.35 7.65
N LEU A 119 18.42 5.42 6.71
CA LEU A 119 19.37 4.31 6.76
C LEU A 119 20.78 4.88 6.69
N SER A 120 21.61 4.54 7.68
CA SER A 120 22.99 5.04 7.72
C SER A 120 23.80 4.45 6.57
N SER A 121 24.88 5.15 6.22
CA SER A 121 25.75 4.73 5.12
C SER A 121 26.42 3.38 5.38
N THR A 122 26.89 3.15 6.60
CA THR A 122 27.50 1.86 6.96
C THR A 122 26.45 0.74 7.01
N GLU A 123 25.23 1.05 7.45
CA GLU A 123 24.16 0.05 7.44
C GLU A 123 23.71 -0.30 6.02
N LYS A 124 23.67 0.70 5.15
CA LYS A 124 23.39 0.47 3.73
C LYS A 124 24.45 -0.41 3.07
N LYS A 125 25.73 -0.09 3.26
CA LYS A 125 26.81 -0.90 2.69
C LYS A 125 26.73 -2.34 3.17
N LYS A 126 26.41 -2.51 4.45
CA LYS A 126 26.24 -3.83 5.06
C LYS A 126 25.12 -4.63 4.40
N MET A 127 23.98 -3.98 4.17
CA MET A 127 22.86 -4.66 3.50
C MET A 127 23.17 -4.95 2.04
N ASP A 128 23.91 -4.05 1.40
CA ASP A 128 24.31 -4.23 0.00
C ASP A 128 25.20 -5.44 -0.22
N GLU A 129 26.03 -5.77 0.77
CA GLU A 129 26.93 -6.93 0.68
C GLU A 129 26.19 -8.27 0.75
N ILE A 130 24.94 -8.24 1.21
CA ILE A 130 24.11 -9.45 1.26
C ILE A 130 22.83 -9.32 0.42
N ALA A 131 22.87 -8.44 -0.57
CA ALA A 131 21.70 -8.20 -1.43
C ALA A 131 21.39 -9.42 -2.28
N PRO A 132 20.11 -9.83 -2.33
CA PRO A 132 19.71 -10.85 -3.28
C PRO A 132 20.07 -10.43 -4.72
N PRO A 133 20.79 -11.29 -5.46
CA PRO A 133 21.13 -10.89 -6.82
C PRO A 133 19.91 -10.65 -7.72
N LYS A 134 20.00 -9.66 -8.59
N LYS A 134 20.01 -9.67 -8.60
CA LYS A 134 19.00 -9.46 -9.64
CA LYS A 134 19.00 -9.46 -9.64
C LYS A 134 18.84 -10.76 -10.42
C LYS A 134 18.85 -10.74 -10.44
N GLY A 135 17.60 -11.16 -10.70
CA GLY A 135 17.36 -12.39 -11.42
C GLY A 135 17.49 -13.66 -10.61
N SER A 136 17.69 -13.56 -9.30
CA SER A 136 17.67 -14.74 -8.45
C SER A 136 16.27 -15.04 -7.96
N VAL A 137 16.06 -16.29 -7.55
CA VAL A 137 14.83 -16.69 -6.90
C VAL A 137 14.88 -16.36 -5.41
N PHE A 138 13.97 -15.51 -4.99
CA PHE A 138 13.90 -14.96 -3.64
C PHE A 138 12.59 -15.39 -2.98
N THR A 139 12.61 -15.59 -1.66
CA THR A 139 11.41 -15.83 -0.86
C THR A 139 11.36 -14.75 0.20
N CYS A 140 10.32 -13.92 0.15
CA CYS A 140 10.24 -12.81 1.10
C CYS A 140 10.03 -13.31 2.53
N PRO A 141 10.83 -12.79 3.47
CA PRO A 141 10.70 -13.31 4.84
C PRO A 141 9.41 -12.95 5.56
N ILE A 142 8.63 -12.01 5.01
CA ILE A 142 7.39 -11.59 5.65
C ILE A 142 6.21 -12.32 5.01
N CYS A 143 5.94 -12.02 3.75
CA CYS A 143 4.79 -12.59 3.05
C CYS A 143 5.01 -14.00 2.54
N GLU A 144 6.26 -14.48 2.54
CA GLU A 144 6.60 -15.85 2.14
C GLU A 144 6.36 -16.13 0.67
N LYS A 145 6.12 -15.09 -0.14
CA LYS A 145 5.94 -15.30 -1.57
C LYS A 145 7.30 -15.46 -2.26
N ARG A 146 7.37 -16.44 -3.15
CA ARG A 146 8.54 -16.61 -3.99
C ARG A 146 8.44 -15.64 -5.18
N SER A 147 9.60 -15.19 -5.64
CA SER A 147 9.68 -14.26 -6.76
C SER A 147 11.05 -14.34 -7.43
N ILE A 148 11.15 -13.72 -8.60
CA ILE A 148 12.40 -13.55 -9.34
C ILE A 148 12.77 -12.08 -9.19
N VAL A 149 13.89 -11.82 -8.53
CA VAL A 149 14.27 -10.47 -8.13
C VAL A 149 14.35 -9.52 -9.33
N GLY A 150 13.57 -8.42 -9.24
CA GLY A 150 13.54 -7.43 -10.32
C GLY A 150 12.71 -7.79 -11.52
N VAL A 151 12.07 -8.98 -11.48
CA VAL A 151 11.22 -9.46 -12.57
C VAL A 151 9.77 -9.71 -12.12
N THR A 152 9.57 -10.57 -11.12
CA THR A 152 8.20 -10.79 -10.57
C THR A 152 7.93 -10.15 -9.20
N ALA A 153 8.97 -9.55 -8.60
CA ALA A 153 8.82 -8.63 -7.47
C ALA A 153 10.09 -7.80 -7.34
N ASN A 154 9.90 -6.57 -6.93
CA ASN A 154 10.99 -5.65 -6.65
C ASN A 154 11.29 -5.66 -5.15
N LEU A 155 12.56 -5.68 -4.80
CA LEU A 155 13.00 -5.72 -3.41
C LEU A 155 13.54 -4.38 -2.93
N VAL A 156 13.54 -4.19 -1.63
CA VAL A 156 14.05 -2.97 -1.02
C VAL A 156 14.85 -3.28 0.24
N HIS A 157 15.77 -2.36 0.54
N HIS A 157 15.80 -2.43 0.61
CA HIS A 157 16.43 -2.23 1.84
CA HIS A 157 16.47 -2.65 1.90
C HIS A 157 15.41 -1.72 2.83
C HIS A 157 15.77 -1.86 3.01
N ASP A 158 14.88 -2.57 3.71
CA ASP A 158 14.06 -2.04 4.80
C ASP A 158 14.97 -1.64 5.98
N HIS A 159 14.59 -0.57 6.70
CA HIS A 159 15.34 -0.10 7.86
C HIS A 159 14.42 0.42 8.95
N ASN A 160 14.94 0.43 10.18
CA ASN A 160 14.23 1.00 11.32
C ASN A 160 14.46 2.52 11.35
N HIS A 161 13.39 3.28 11.27
CA HIS A 161 13.49 4.75 11.21
C HIS A 161 13.52 5.44 12.59
N ASP A 162 13.63 4.65 13.65
CA ASP A 162 13.98 5.17 14.98
C ASP A 162 15.49 5.14 15.25
N THR A 163 16.16 4.15 14.69
CA THR A 163 17.60 3.95 14.92
C THR A 163 18.49 4.26 13.70
N GLY A 164 17.93 4.21 12.49
CA GLY A 164 18.71 4.32 11.26
C GLY A 164 19.39 3.01 10.84
N TRP A 165 19.09 1.90 11.53
CA TRP A 165 19.76 0.64 11.22
C TRP A 165 18.92 -0.27 10.34
N GLY A 166 19.60 -1.12 9.60
CA GLY A 166 18.96 -2.03 8.68
C GLY A 166 18.12 -3.10 9.35
N ARG A 167 17.06 -3.50 8.66
CA ARG A 167 16.33 -4.71 9.00
C ARG A 167 16.72 -5.74 7.94
N GLU A 168 15.82 -6.16 7.06
CA GLU A 168 16.13 -7.16 6.03
C GLU A 168 15.71 -6.69 4.65
N TRP A 169 16.21 -7.41 3.65
CA TRP A 169 15.71 -7.32 2.30
C TRP A 169 14.34 -7.96 2.27
N ILE A 170 13.35 -7.18 1.84
CA ILE A 170 11.96 -7.62 1.77
C ILE A 170 11.35 -7.09 0.47
N CYS A 171 10.19 -7.61 0.08
CA CYS A 171 9.54 -7.11 -1.13
C CYS A 171 8.91 -5.73 -0.90
N ASP A 172 8.84 -4.96 -1.98
CA ASP A 172 8.27 -3.59 -1.95
C ASP A 172 6.83 -3.61 -1.45
N SER A 173 6.08 -4.64 -1.81
CA SER A 173 4.70 -4.78 -1.34
C SER A 173 4.65 -4.81 0.19
N CYS A 174 5.45 -5.67 0.80
CA CYS A 174 5.51 -5.75 2.27
C CYS A 174 6.03 -4.46 2.88
N ASN A 175 7.05 -3.86 2.29
CA ASN A 175 7.64 -2.64 2.84
C ASN A 175 6.61 -1.51 2.89
N THR A 176 5.84 -1.36 1.83
CA THR A 176 4.84 -0.31 1.74
C THR A 176 3.60 -0.66 2.58
N GLY A 177 3.45 -1.92 2.96
CA GLY A 177 2.47 -2.35 3.95
C GLY A 177 2.88 -1.98 5.38
N LEU A 178 4.15 -2.22 5.73
CA LEU A 178 4.67 -1.81 7.05
C LEU A 178 4.37 -0.34 7.29
N GLY A 179 4.60 0.49 6.28
CA GLY A 179 4.40 1.94 6.45
C GLY A 179 2.96 2.36 6.66
N ARG A 180 2.04 1.63 6.04
CA ARG A 180 0.61 1.90 6.29
C ARG A 180 0.25 1.78 7.78
N PHE A 181 0.97 0.93 8.48
CA PHE A 181 0.77 0.68 9.91
C PHE A 181 1.88 1.28 10.76
N LYS A 182 2.58 2.26 10.18
CA LYS A 182 3.56 3.11 10.87
C LYS A 182 4.74 2.33 11.42
N ASP A 183 5.05 1.19 10.81
CA ASP A 183 6.12 0.29 11.29
C ASP A 183 5.96 -0.02 12.78
N ASN A 184 4.72 -0.04 13.27
CA ASN A 184 4.45 -0.05 14.71
C ASN A 184 3.61 -1.26 15.08
N PRO A 185 4.16 -2.18 15.90
CA PRO A 185 3.40 -3.36 16.32
C PRO A 185 2.04 -3.08 16.97
N LYS A 186 1.90 -1.92 17.61
CA LYS A 186 0.61 -1.48 18.16
C LYS A 186 -0.50 -1.57 17.10
N PHE A 187 -0.23 -1.07 15.90
CA PHE A 187 -1.26 -1.03 14.86
C PHE A 187 -1.44 -2.37 14.18
N LEU A 188 -0.37 -3.17 14.15
CA LEU A 188 -0.47 -4.54 13.62
C LEU A 188 -1.36 -5.38 14.53
N GLU A 189 -1.22 -5.17 15.84
CA GLU A 189 -2.03 -5.89 16.81
C GLU A 189 -3.51 -5.48 16.64
N LYS A 190 -3.72 -4.21 16.36
CA LYS A 190 -5.07 -3.73 16.06
C LYS A 190 -5.64 -4.40 14.80
N VAL A 191 -4.80 -4.57 13.79
CA VAL A 191 -5.23 -5.26 12.58
C VAL A 191 -5.64 -6.71 12.89
N ILE A 192 -4.84 -7.40 13.69
CA ILE A 192 -5.13 -8.79 14.07
C ILE A 192 -6.47 -8.93 14.77
N GLU A 193 -6.74 -8.05 15.73
CA GLU A 193 -7.96 -8.18 16.50
C GLU A 193 -9.17 -7.79 15.66
N TYR A 194 -8.97 -6.84 14.75
CA TYR A 194 -10.00 -6.45 13.79
C TYR A 194 -10.38 -7.62 12.88
N LEU A 195 -9.37 -8.29 12.32
CA LEU A 195 -9.61 -9.44 11.43
C LEU A 195 -10.27 -10.59 12.18
N LYS A 196 -9.69 -10.94 13.33
CA LYS A 196 -10.19 -12.03 14.16
C LYS A 196 -11.65 -11.83 14.55
N LYS A 197 -11.98 -10.57 14.85
CA LYS A 197 -13.36 -10.17 15.16
C LYS A 197 -14.38 -10.54 14.07
N TYR A 198 -13.97 -10.54 12.81
CA TYR A 198 -14.86 -10.88 11.69
C TYR A 198 -14.49 -12.18 10.98
N GLU A 199 -13.66 -13.02 11.63
CA GLU A 199 -13.19 -14.28 11.04
C GLU A 199 -14.12 -15.44 11.38
N MET B 11 24.60 -23.30 -24.11
CA MET B 11 24.26 -24.47 -23.27
C MET B 11 23.70 -24.00 -21.92
N LEU B 12 22.78 -24.77 -21.35
CA LEU B 12 22.16 -24.39 -20.08
C LEU B 12 23.19 -24.38 -18.97
N LYS B 13 23.12 -23.35 -18.13
CA LYS B 13 24.01 -23.16 -16.99
C LYS B 13 23.15 -23.01 -15.75
N ASN B 14 23.69 -23.40 -14.60
CA ASN B 14 23.08 -23.08 -13.32
C ASN B 14 22.73 -21.60 -13.24
N ASP B 15 21.53 -21.33 -12.74
CA ASP B 15 20.95 -19.98 -12.54
C ASP B 15 20.22 -19.46 -13.77
N ASP B 16 20.36 -20.13 -14.91
CA ASP B 16 19.56 -19.81 -16.11
C ASP B 16 18.08 -20.14 -15.88
N PHE B 17 17.21 -19.45 -16.63
CA PHE B 17 15.79 -19.72 -16.58
C PHE B 17 15.29 -20.44 -17.82
N VAL B 18 14.30 -21.30 -17.62
CA VAL B 18 13.70 -22.10 -18.67
C VAL B 18 12.19 -22.14 -18.50
N ILE B 19 11.49 -22.48 -19.57
CA ILE B 19 10.12 -22.93 -19.46
C ILE B 19 10.01 -24.43 -19.80
N ALA B 20 9.04 -25.08 -19.16
CA ALA B 20 8.61 -26.42 -19.57
C ALA B 20 8.02 -26.40 -20.99
N LYS B 21 8.58 -27.19 -21.91
CA LYS B 21 8.06 -27.29 -23.28
C LYS B 21 6.73 -28.02 -23.34
N ASN B 22 6.58 -29.02 -22.46
CA ASN B 22 5.45 -29.91 -22.41
C ASN B 22 5.02 -30.18 -20.98
N GLN B 23 3.87 -30.83 -20.79
CA GLN B 23 3.46 -31.22 -19.45
C GLN B 23 4.49 -32.17 -18.85
N LEU B 24 4.93 -31.86 -17.64
CA LEU B 24 5.93 -32.66 -16.91
C LEU B 24 5.30 -33.04 -15.56
N GLY B 25 4.63 -34.17 -15.52
CA GLY B 25 3.92 -34.55 -14.30
C GLY B 25 2.91 -33.49 -13.92
N ASN B 26 3.14 -32.84 -12.78
CA ASN B 26 2.27 -31.79 -12.25
C ASN B 26 2.50 -30.44 -12.93
N ILE B 27 3.59 -30.33 -13.67
CA ILE B 27 4.04 -29.03 -14.21
C ILE B 27 3.49 -28.79 -15.63
N VAL B 28 2.65 -27.77 -15.76
CA VAL B 28 2.08 -27.44 -17.07
C VAL B 28 3.09 -26.76 -17.98
N PRO B 29 2.85 -26.83 -19.30
CA PRO B 29 3.74 -26.10 -20.20
C PRO B 29 3.78 -24.59 -19.89
N ASN B 30 4.92 -23.99 -20.19
CA ASN B 30 5.17 -22.57 -19.98
C ASN B 30 5.41 -22.20 -18.51
N SER B 31 5.45 -23.19 -17.64
CA SER B 31 5.93 -22.97 -16.28
C SER B 31 7.39 -22.58 -16.29
N VAL B 32 7.72 -21.51 -15.56
CA VAL B 32 9.09 -21.03 -15.44
C VAL B 32 9.83 -21.74 -14.31
N GLY B 33 11.06 -22.12 -14.61
CA GLY B 33 11.95 -22.78 -13.67
C GLY B 33 13.36 -22.22 -13.78
N VAL B 34 14.11 -22.40 -12.70
CA VAL B 34 15.51 -22.03 -12.66
C VAL B 34 16.36 -23.29 -12.60
N ILE B 35 17.45 -23.28 -13.35
CA ILE B 35 18.35 -24.42 -13.39
C ILE B 35 19.19 -24.45 -12.11
N ARG B 36 19.13 -25.59 -11.43
CA ARG B 36 19.83 -25.78 -10.15
C ARG B 36 21.01 -26.76 -10.19
N ALA B 37 21.05 -27.61 -11.21
CA ALA B 37 22.20 -28.48 -11.45
C ALA B 37 22.12 -28.93 -12.91
N VAL B 38 23.26 -29.20 -13.51
N VAL B 38 23.29 -29.23 -13.48
CA VAL B 38 23.27 -29.74 -14.87
CA VAL B 38 23.43 -29.66 -14.87
C VAL B 38 24.24 -30.91 -15.00
C VAL B 38 24.25 -30.95 -14.95
N ASN B 39 23.80 -31.91 -15.75
CA ASN B 39 24.67 -33.01 -16.20
C ASN B 39 24.70 -32.99 -17.75
N GLY B 40 25.19 -34.03 -18.40
CA GLY B 40 25.36 -34.00 -19.86
C GLY B 40 24.09 -33.96 -20.70
N LYS B 41 22.96 -34.38 -20.13
CA LYS B 41 21.72 -34.45 -20.92
C LYS B 41 20.48 -33.90 -20.19
N SER B 42 20.64 -33.47 -18.95
CA SER B 42 19.47 -33.06 -18.19
C SER B 42 19.85 -32.02 -17.16
N ALA B 43 18.82 -31.34 -16.65
CA ALA B 43 18.98 -30.34 -15.62
C ALA B 43 18.07 -30.71 -14.45
N MET B 44 18.50 -30.31 -13.26
CA MET B 44 17.61 -30.24 -12.11
C MET B 44 17.03 -28.84 -12.14
N VAL B 45 15.70 -28.75 -12.24
CA VAL B 45 15.00 -27.50 -12.44
C VAL B 45 14.04 -27.26 -11.26
N LEU B 46 14.15 -26.09 -10.61
CA LEU B 46 13.15 -25.69 -9.63
C LEU B 46 12.07 -24.89 -10.34
N PHE B 47 10.89 -25.50 -10.48
CA PHE B 47 9.72 -24.82 -10.98
C PHE B 47 9.11 -24.00 -9.86
N ILE B 48 9.12 -22.68 -10.07
CA ILE B 48 8.97 -21.73 -8.98
C ILE B 48 7.54 -21.65 -8.45
N GLY B 49 6.55 -21.73 -9.34
CA GLY B 49 5.16 -21.64 -8.89
C GLY B 49 4.74 -22.71 -7.91
N LEU B 50 5.09 -23.97 -8.23
CA LEU B 50 4.71 -25.09 -7.36
C LEU B 50 5.82 -25.46 -6.37
N ASN B 51 6.98 -24.81 -6.49
CA ASN B 51 8.16 -25.12 -5.67
C ASN B 51 8.55 -26.60 -5.81
N GLU B 52 8.54 -27.09 -7.04
N GLU B 52 8.54 -27.08 -7.05
CA GLU B 52 8.82 -28.50 -7.31
CA GLU B 52 8.86 -28.48 -7.34
C GLU B 52 10.13 -28.61 -8.08
C GLU B 52 10.17 -28.55 -8.06
N LEU B 53 11.08 -29.35 -7.51
CA LEU B 53 12.37 -29.56 -8.13
C LEU B 53 12.35 -30.91 -8.83
N LYS B 54 12.59 -30.89 -10.14
CA LYS B 54 12.52 -32.09 -10.98
C LYS B 54 13.76 -32.25 -11.86
N ARG B 55 14.12 -33.48 -12.17
CA ARG B 55 15.10 -33.79 -13.21
C ARG B 55 14.38 -33.75 -14.55
N VAL B 56 14.82 -32.88 -15.45
CA VAL B 56 14.20 -32.71 -16.75
C VAL B 56 15.26 -32.81 -17.84
N ASP B 57 14.96 -33.59 -18.86
CA ASP B 57 15.82 -33.72 -20.02
C ASP B 57 15.91 -32.37 -20.75
N PHE B 58 17.08 -32.00 -21.25
CA PHE B 58 17.24 -30.73 -21.99
C PHE B 58 16.24 -30.57 -23.13
N SER B 59 15.86 -31.68 -23.74
CA SER B 59 14.92 -31.63 -24.87
C SER B 59 13.50 -31.21 -24.47
N GLU B 60 13.21 -31.18 -23.17
CA GLU B 60 11.88 -30.76 -22.69
C GLU B 60 11.89 -29.36 -22.08
N LEU B 61 13.03 -28.68 -22.20
CA LEU B 61 13.20 -27.32 -21.67
C LEU B 61 13.55 -26.33 -22.77
N GLU B 62 13.06 -25.10 -22.63
CA GLU B 62 13.44 -24.00 -23.51
C GLU B 62 13.92 -22.80 -22.70
N ALA B 63 15.12 -22.33 -23.02
CA ALA B 63 15.66 -21.13 -22.39
C ALA B 63 14.71 -19.96 -22.59
N ILE B 64 14.62 -19.10 -21.58
N ILE B 64 14.55 -19.16 -21.55
CA ILE B 64 13.78 -17.90 -21.65
CA ILE B 64 13.86 -17.88 -21.71
C ILE B 64 14.52 -16.69 -21.08
C ILE B 64 14.71 -16.72 -21.21
N ASP B 65 14.46 -15.57 -21.79
CA ASP B 65 15.04 -14.31 -21.35
C ASP B 65 14.04 -13.59 -20.46
N ILE B 66 14.23 -13.70 -19.14
CA ILE B 66 13.28 -13.16 -18.16
C ILE B 66 13.18 -11.66 -18.22
N TYR B 67 14.20 -10.99 -18.75
CA TYR B 67 14.20 -9.54 -18.81
C TYR B 67 13.40 -9.00 -19.99
N ARG B 68 12.94 -9.89 -20.87
CA ARG B 68 12.07 -9.52 -22.00
C ARG B 68 10.66 -10.03 -21.75
N THR B 69 10.22 -9.84 -20.51
CA THR B 69 8.87 -10.18 -20.10
C THR B 69 8.34 -9.03 -19.23
N GLY B 70 7.02 -8.93 -19.14
CA GLY B 70 6.38 -7.89 -18.33
C GLY B 70 6.13 -6.59 -19.10
N LYS B 71 6.18 -5.47 -18.38
CA LYS B 71 5.84 -4.17 -18.95
C LYS B 71 6.71 -3.90 -20.19
N GLY B 72 6.04 -3.55 -21.28
CA GLY B 72 6.70 -3.29 -22.56
C GLY B 72 6.74 -4.47 -23.52
N TYR B 73 6.35 -5.65 -23.03
CA TYR B 73 6.45 -6.90 -23.77
C TYR B 73 5.10 -7.59 -23.94
N ASP B 74 5.07 -8.61 -24.81
N ASP B 74 5.03 -8.61 -24.77
CA ASP B 74 3.83 -9.34 -25.16
CA ASP B 74 3.74 -9.26 -25.06
C ASP B 74 3.47 -10.46 -24.18
C ASP B 74 3.49 -10.51 -24.22
N LYS B 75 4.42 -10.85 -23.34
CA LYS B 75 4.21 -11.91 -22.35
C LYS B 75 4.75 -11.47 -21.01
N LYS B 76 4.20 -12.07 -19.96
CA LYS B 76 4.54 -11.70 -18.58
C LYS B 76 4.49 -12.96 -17.71
N ILE B 77 5.39 -13.04 -16.75
CA ILE B 77 5.45 -14.16 -15.80
C ILE B 77 4.63 -13.80 -14.56
N CYS B 78 3.62 -14.61 -14.26
CA CYS B 78 2.78 -14.36 -13.07
C CYS B 78 3.58 -14.51 -11.77
N ASN B 79 3.36 -13.62 -10.80
CA ASN B 79 4.13 -13.66 -9.56
C ASN B 79 3.68 -14.72 -8.56
N ILE B 80 2.59 -15.44 -8.85
CA ILE B 80 2.12 -16.53 -8.00
C ILE B 80 2.47 -17.83 -8.72
N CYS B 81 1.73 -18.16 -9.78
CA CYS B 81 1.98 -19.41 -10.50
C CYS B 81 3.29 -19.46 -11.30
N HIS B 82 3.90 -18.30 -11.55
CA HIS B 82 5.15 -18.26 -12.34
C HIS B 82 5.05 -19.08 -13.63
N ILE B 83 3.93 -18.89 -14.33
CA ILE B 83 3.75 -19.36 -15.69
C ILE B 83 3.83 -18.16 -16.60
N LEU B 84 4.48 -18.35 -17.74
CA LEU B 84 4.60 -17.30 -18.76
C LEU B 84 3.29 -17.25 -19.57
N LYS B 85 2.60 -16.10 -19.53
CA LYS B 85 1.30 -15.92 -20.18
C LYS B 85 1.31 -14.66 -21.04
N ASN B 86 0.35 -14.55 -21.94
CA ASN B 86 0.15 -13.30 -22.69
C ASN B 86 -0.16 -12.16 -21.74
N THR B 87 0.23 -10.95 -22.12
CA THR B 87 -0.09 -9.75 -21.38
C THR B 87 -1.57 -9.64 -21.08
N ASP B 88 -2.43 -10.01 -22.03
CA ASP B 88 -3.89 -9.90 -21.81
C ASP B 88 -4.42 -10.89 -20.77
N GLY B 89 -3.58 -11.81 -20.29
CA GLY B 89 -3.93 -12.68 -19.16
C GLY B 89 -3.82 -12.03 -17.79
N PHE B 90 -3.53 -10.72 -17.77
CA PHE B 90 -3.35 -9.92 -16.55
C PHE B 90 -4.20 -8.68 -16.70
N GLU B 91 -4.83 -8.27 -15.61
CA GLU B 91 -5.73 -7.12 -15.60
C GLU B 91 -4.98 -5.79 -15.58
N ILE B 92 -5.34 -4.86 -16.46
CA ILE B 92 -4.81 -3.49 -16.40
C ILE B 92 -5.27 -2.86 -15.09
N ASN B 93 -4.34 -2.18 -14.41
CA ASN B 93 -4.56 -1.67 -13.04
C ASN B 93 -4.12 -0.23 -12.78
N GLN B 94 -3.13 0.25 -13.53
CA GLN B 94 -2.58 1.59 -13.29
C GLN B 94 -1.95 2.12 -14.57
N THR B 95 -1.46 3.37 -14.49
CA THR B 95 -0.78 4.06 -15.58
C THR B 95 0.45 4.70 -14.97
N ASP B 96 1.60 4.61 -15.66
CA ASP B 96 2.83 5.23 -15.15
C ASP B 96 2.98 6.67 -15.68
N ALA B 97 4.06 7.34 -15.29
CA ALA B 97 4.28 8.74 -15.66
C ALA B 97 4.52 8.92 -17.16
N LYS B 98 5.00 7.87 -17.82
CA LYS B 98 5.21 7.86 -19.28
C LYS B 98 3.93 7.51 -20.06
N GLY B 99 2.84 7.29 -19.33
CA GLY B 99 1.53 6.97 -19.91
C GLY B 99 1.33 5.51 -20.27
N ARG B 100 2.26 4.65 -19.90
CA ARG B 100 2.16 3.23 -20.21
C ARG B 100 1.28 2.56 -19.18
N LYS B 101 0.53 1.56 -19.60
CA LYS B 101 -0.36 0.85 -18.70
C LYS B 101 0.39 -0.26 -17.98
N THR B 102 0.04 -0.42 -16.71
CA THR B 102 0.63 -1.40 -15.83
C THR B 102 -0.46 -2.40 -15.49
N THR B 103 -0.14 -3.68 -15.57
CA THR B 103 -1.07 -4.74 -15.22
C THR B 103 -0.72 -5.28 -13.83
N ARG B 104 -1.69 -5.91 -13.17
CA ARG B 104 -1.43 -6.56 -11.88
C ARG B 104 -0.34 -7.61 -12.06
N PRO B 105 0.44 -7.88 -11.01
CA PRO B 105 1.49 -8.91 -11.17
C PRO B 105 0.99 -10.34 -11.20
N SER B 106 -0.23 -10.55 -10.72
CA SER B 106 -0.86 -11.85 -10.65
C SER B 106 -1.88 -11.99 -11.81
N CYS B 107 -1.85 -13.12 -12.50
CA CYS B 107 -2.71 -13.37 -13.62
C CYS B 107 -4.16 -13.48 -13.16
N ARG B 108 -5.07 -13.40 -14.12
CA ARG B 108 -6.48 -13.46 -13.82
C ARG B 108 -6.88 -14.73 -13.05
N GLU B 109 -6.26 -15.85 -13.40
CA GLU B 109 -6.57 -17.11 -12.71
C GLU B 109 -6.15 -17.08 -11.25
N CYS B 110 -4.94 -16.60 -10.99
CA CYS B 110 -4.45 -16.47 -9.61
C CYS B 110 -5.19 -15.40 -8.80
N ARG B 111 -5.70 -14.38 -9.48
CA ARG B 111 -6.50 -13.36 -8.81
C ARG B 111 -7.80 -13.91 -8.26
N LYS B 112 -8.32 -15.02 -8.80
CA LYS B 112 -9.60 -15.54 -8.31
C LYS B 112 -9.47 -15.94 -6.83
N ASN B 113 -8.32 -16.51 -6.48
CA ASN B 113 -8.07 -16.96 -5.10
C ASN B 113 -7.80 -15.79 -4.17
N ILE B 114 -7.20 -14.74 -4.72
CA ILE B 114 -6.89 -13.53 -3.94
C ILE B 114 -8.16 -12.73 -3.66
N ASP B 115 -9.00 -12.59 -4.68
CA ASP B 115 -10.24 -11.84 -4.57
C ASP B 115 -11.28 -12.55 -3.69
N GLY B 116 -11.31 -13.88 -3.78
CA GLY B 116 -12.27 -14.67 -3.01
C GLY B 116 -13.71 -14.28 -3.25
N VAL B 117 -14.51 -14.26 -2.19
CA VAL B 117 -15.93 -13.96 -2.28
C VAL B 117 -16.19 -12.46 -2.14
N LYS B 118 -17.00 -11.92 -3.04
CA LYS B 118 -17.36 -10.52 -3.03
C LYS B 118 -18.30 -10.17 -1.88
N LEU B 119 -18.32 -8.89 -1.53
CA LEU B 119 -19.26 -8.37 -0.55
C LEU B 119 -20.67 -8.55 -1.10
N SER B 120 -21.51 -9.24 -0.34
CA SER B 120 -22.88 -9.50 -0.75
C SER B 120 -23.72 -8.22 -0.80
N SER B 121 -24.74 -8.24 -1.63
CA SER B 121 -25.66 -7.11 -1.80
C SER B 121 -26.28 -6.68 -0.48
N THR B 122 -26.70 -7.66 0.32
CA THR B 122 -27.37 -7.39 1.60
C THR B 122 -26.39 -6.86 2.65
N GLU B 123 -25.17 -7.37 2.63
CA GLU B 123 -24.12 -6.89 3.54
C GLU B 123 -23.67 -5.48 3.13
N LYS B 124 -23.60 -5.22 1.83
CA LYS B 124 -23.29 -3.88 1.32
C LYS B 124 -24.35 -2.85 1.76
N LYS B 125 -25.61 -3.23 1.69
CA LYS B 125 -26.69 -2.34 2.11
C LYS B 125 -26.63 -2.04 3.62
N LYS B 126 -26.32 -3.05 4.43
CA LYS B 126 -26.09 -2.84 5.88
C LYS B 126 -24.97 -1.82 6.13
N MET B 127 -23.90 -1.91 5.34
CA MET B 127 -22.78 -1.00 5.54
C MET B 127 -23.15 0.41 5.07
N ASP B 128 -23.90 0.50 3.99
CA ASP B 128 -24.31 1.83 3.47
C ASP B 128 -25.20 2.58 4.43
N GLU B 129 -25.99 1.85 5.22
CA GLU B 129 -26.85 2.45 6.25
C GLU B 129 -26.09 3.22 7.33
N ILE B 130 -24.82 2.86 7.54
CA ILE B 130 -24.01 3.49 8.59
C ILE B 130 -22.75 4.14 8.02
N ALA B 131 -22.79 4.47 6.73
CA ALA B 131 -21.66 5.09 6.05
C ALA B 131 -21.36 6.48 6.61
N PRO B 132 -20.08 6.77 6.91
CA PRO B 132 -19.70 8.14 7.27
C PRO B 132 -20.02 9.11 6.12
N PRO B 133 -20.74 10.22 6.40
CA PRO B 133 -21.02 11.21 5.37
C PRO B 133 -19.76 11.80 4.74
N LYS B 134 -19.81 12.06 3.44
CA LYS B 134 -18.73 12.77 2.75
C LYS B 134 -18.57 14.10 3.46
N GLY B 135 -17.34 14.52 3.72
CA GLY B 135 -17.10 15.78 4.38
C GLY B 135 -17.24 15.73 5.89
N SER B 136 -17.47 14.57 6.49
CA SER B 136 -17.47 14.46 7.95
C SER B 136 -16.07 14.17 8.49
N VAL B 137 -15.89 14.37 9.79
CA VAL B 137 -14.62 14.05 10.43
C VAL B 137 -14.66 12.61 10.96
N PHE B 138 -13.74 11.78 10.45
CA PHE B 138 -13.73 10.34 10.64
C PHE B 138 -12.44 9.97 11.34
N THR B 139 -12.48 8.92 12.16
CA THR B 139 -11.25 8.37 12.74
C THR B 139 -11.20 6.89 12.35
N CYS B 140 -10.16 6.49 11.64
CA CYS B 140 -10.09 5.12 11.15
C CYS B 140 -9.94 4.16 12.34
N PRO B 141 -10.75 3.09 12.37
CA PRO B 141 -10.66 2.16 13.51
C PRO B 141 -9.38 1.35 13.59
N ILE B 142 -8.61 1.31 12.50
CA ILE B 142 -7.35 0.56 12.49
C ILE B 142 -6.17 1.50 12.82
N CYS B 143 -5.88 2.43 11.91
CA CYS B 143 -4.69 3.28 12.06
C CYS B 143 -4.89 4.45 13.00
N GLU B 144 -6.13 4.71 13.41
CA GLU B 144 -6.49 5.76 14.36
C GLU B 144 -6.24 7.19 13.87
N LYS B 145 -6.01 7.34 12.57
CA LYS B 145 -5.78 8.64 12.00
C LYS B 145 -7.12 9.33 11.77
N ARG B 146 -7.17 10.61 12.07
CA ARG B 146 -8.34 11.44 11.82
C ARG B 146 -8.26 11.95 10.38
N SER B 147 -9.43 12.14 9.76
CA SER B 147 -9.51 12.62 8.39
C SER B 147 -10.84 13.28 8.12
N ILE B 148 -10.91 14.02 7.01
CA ILE B 148 -12.16 14.57 6.51
C ILE B 148 -12.54 13.68 5.35
N VAL B 149 -13.69 13.00 5.43
CA VAL B 149 -14.06 11.94 4.47
C VAL B 149 -14.09 12.45 3.04
N GLY B 150 -13.29 11.83 2.19
CA GLY B 150 -13.22 12.17 0.77
C GLY B 150 -12.43 13.42 0.44
N VAL B 151 -11.76 14.00 1.45
CA VAL B 151 -10.93 15.19 1.30
C VAL B 151 -9.50 14.92 1.78
N THR B 152 -9.34 14.44 3.01
CA THR B 152 -7.99 14.09 3.50
C THR B 152 -7.75 12.59 3.72
N ALA B 153 -8.78 11.79 3.51
CA ALA B 153 -8.62 10.35 3.30
C ALA B 153 -9.86 9.82 2.62
N ASN B 154 -9.69 8.86 1.73
CA ASN B 154 -10.79 8.14 1.10
C ASN B 154 -11.09 6.86 1.88
N LEU B 155 -12.38 6.56 2.05
CA LEU B 155 -12.80 5.39 2.83
C LEU B 155 -13.40 4.32 1.92
N VAL B 156 -13.41 3.09 2.43
CA VAL B 156 -13.93 1.95 1.69
C VAL B 156 -14.74 1.03 2.60
N HIS B 157 -15.63 0.30 1.93
N HIS B 157 -15.72 0.31 2.05
CA HIS B 157 -16.30 -0.89 2.44
CA HIS B 157 -16.37 -0.71 2.89
C HIS B 157 -15.27 -2.00 2.53
C HIS B 157 -15.63 -2.04 2.72
N ASP B 158 -14.80 -2.33 3.72
CA ASP B 158 -14.02 -3.56 3.85
C ASP B 158 -14.92 -4.77 4.11
N HIS B 159 -14.51 -5.93 3.61
CA HIS B 159 -15.30 -7.15 3.78
C HIS B 159 -14.38 -8.36 3.88
N ASN B 160 -14.91 -9.43 4.47
CA ASN B 160 -14.21 -10.69 4.59
C ASN B 160 -14.44 -11.48 3.31
N HIS B 161 -13.36 -11.83 2.61
CA HIS B 161 -13.47 -12.47 1.30
C HIS B 161 -13.53 -14.00 1.35
N ASP B 162 -13.59 -14.56 2.56
CA ASP B 162 -13.91 -15.99 2.74
C ASP B 162 -15.42 -16.18 2.89
N THR B 163 -16.08 -15.23 3.53
CA THR B 163 -17.52 -15.31 3.82
C THR B 163 -18.40 -14.41 2.94
N GLY B 164 -17.83 -13.29 2.49
CA GLY B 164 -18.60 -12.28 1.75
C GLY B 164 -19.33 -11.31 2.66
N TRP B 165 -19.04 -11.39 3.96
CA TRP B 165 -19.70 -10.54 4.95
C TRP B 165 -18.90 -9.27 5.20
N GLY B 166 -19.61 -8.20 5.54
CA GLY B 166 -19.01 -6.91 5.75
C GLY B 166 -18.17 -6.89 7.02
N ARG B 167 -17.14 -6.04 7.01
CA ARG B 167 -16.38 -5.73 8.22
C ARG B 167 -16.75 -4.28 8.62
N GLU B 168 -15.83 -3.34 8.50
CA GLU B 168 -16.09 -1.94 8.88
C GLU B 168 -15.64 -0.97 7.80
N TRP B 169 -16.13 0.27 7.89
CA TRP B 169 -15.60 1.38 7.13
C TRP B 169 -14.22 1.72 7.64
N ILE B 170 -13.23 1.62 6.74
CA ILE B 170 -11.85 1.91 7.08
C ILE B 170 -11.25 2.76 5.97
N CYS B 171 -10.10 3.36 6.22
CA CYS B 171 -9.42 4.15 5.18
C CYS B 171 -8.82 3.24 4.12
N ASP B 172 -8.72 3.76 2.89
CA ASP B 172 -8.17 3.03 1.76
C ASP B 172 -6.72 2.60 2.04
N SER B 173 -5.95 3.43 2.71
CA SER B 173 -4.55 3.08 3.09
C SER B 173 -4.53 1.80 3.91
N CYS B 174 -5.34 1.73 4.96
CA CYS B 174 -5.41 0.49 5.77
C CYS B 174 -5.93 -0.71 4.97
N ASN B 175 -6.99 -0.51 4.18
CA ASN B 175 -7.56 -1.59 3.40
C ASN B 175 -6.51 -2.22 2.47
N THR B 176 -5.74 -1.37 1.82
CA THR B 176 -4.71 -1.85 0.89
C THR B 176 -3.49 -2.40 1.60
N GLY B 177 -3.33 -2.08 2.88
CA GLY B 177 -2.36 -2.71 3.75
C GLY B 177 -2.78 -4.12 4.11
N LEU B 178 -4.05 -4.32 4.46
CA LEU B 178 -4.56 -5.66 4.80
C LEU B 178 -4.25 -6.61 3.67
N GLY B 179 -4.48 -6.17 2.44
CA GLY B 179 -4.29 -7.02 1.27
C GLY B 179 -2.86 -7.43 1.05
N ARG B 180 -1.92 -6.55 1.38
CA ARG B 180 -0.49 -6.93 1.28
C ARG B 180 -0.15 -8.12 2.16
N PHE B 181 -0.88 -8.28 3.25
CA PHE B 181 -0.69 -9.39 4.18
C PHE B 181 -1.82 -10.41 4.10
N LYS B 182 -2.46 -10.45 2.94
CA LYS B 182 -3.46 -11.46 2.57
C LYS B 182 -4.67 -11.52 3.52
N ASP B 183 -4.97 -10.40 4.18
CA ASP B 183 -6.04 -10.33 5.19
C ASP B 183 -5.91 -11.45 6.24
N ASN B 184 -4.68 -11.88 6.53
CA ASN B 184 -4.41 -13.10 7.28
C ASN B 184 -3.57 -12.81 8.52
N PRO B 185 -4.13 -13.06 9.72
CA PRO B 185 -3.37 -12.86 10.97
C PRO B 185 -2.00 -13.52 11.02
N LYS B 186 -1.84 -14.65 10.34
CA LYS B 186 -0.55 -15.36 10.26
C LYS B 186 0.57 -14.42 9.81
N PHE B 187 0.32 -13.67 8.74
CA PHE B 187 1.35 -12.79 8.19
C PHE B 187 1.48 -11.52 8.99
N LEU B 188 0.39 -11.10 9.65
CA LEU B 188 0.47 -9.95 10.55
C LEU B 188 1.32 -10.28 11.77
N GLU B 189 1.23 -11.51 12.27
CA GLU B 189 2.06 -11.95 13.39
C GLU B 189 3.53 -12.02 13.00
N LYS B 190 3.77 -12.44 11.76
CA LYS B 190 5.12 -12.41 11.21
C LYS B 190 5.68 -10.99 11.08
N VAL B 191 4.84 -10.03 10.69
CA VAL B 191 5.26 -8.64 10.68
C VAL B 191 5.66 -8.19 12.09
N ILE B 192 4.87 -8.56 13.09
CA ILE B 192 5.14 -8.16 14.47
C ILE B 192 6.47 -8.70 14.99
N GLU B 193 6.71 -9.99 14.75
CA GLU B 193 7.97 -10.61 15.19
C GLU B 193 9.18 -10.01 14.48
N TYR B 194 9.01 -9.70 13.20
CA TYR B 194 10.06 -9.09 12.39
C TYR B 194 10.44 -7.70 12.92
N LEU B 195 9.44 -6.87 13.19
CA LEU B 195 9.68 -5.53 13.72
C LEU B 195 10.33 -5.57 15.11
N LYS B 196 9.82 -6.45 15.98
CA LYS B 196 10.36 -6.59 17.34
C LYS B 196 11.82 -7.03 17.36
N LYS B 197 12.19 -7.90 16.42
CA LYS B 197 13.58 -8.34 16.26
C LYS B 197 14.58 -7.19 16.03
N TYR B 198 14.12 -6.09 15.43
CA TYR B 198 14.97 -4.93 15.12
C TYR B 198 14.52 -3.65 15.86
N GLU B 199 13.71 -3.84 16.89
CA GLU B 199 13.27 -2.77 17.81
C GLU B 199 14.42 -1.80 18.12
#